data_3LNP
#
_entry.id   3LNP
#
_cell.length_a   77.902
_cell.length_b   77.902
_cell.length_c   143.754
_cell.angle_alpha   90.00
_cell.angle_beta   90.00
_cell.angle_gamma   120.00
#
_symmetry.space_group_name_H-M   'P 32 2 1'
#
loop_
_entity.id
_entity.type
_entity.pdbx_description
1 polymer 'Amidohydrolase family Protein OLEI01672_1_465'
2 non-polymer 'CALCIUM ION'
3 non-polymer 'ACETIC ACID'
4 non-polymer DI(HYDROXYETHYL)ETHER
5 water water
#
_entity_poly.entity_id   1
_entity_poly.type   'polypeptide(L)'
_entity_poly.pdbx_seq_one_letter_code
;SNA(MSE)SKDSESNLAQRQSQPKAHADLRINSHWIIPIENTTDHNLVSNILIDHCLLIKDGIILAIEPQSSCQIPATET
LDLGQQVL(MSE)PGWVNAHGHAA(MSE)SLFRGLADDLPL(MSE)TWLQEHVWPAEAQHVDEHFVKQGTELAIAE
(MSE)IQSGTTTFAD(MSE)YFYPQQSGEAALAAGIRAVCFAPVLDFPTNYAQNADEYIRKAIECNDRFNNHP(MSE)NE
QGLVQIGFGPHAPYTVSDEPLKEIT(MSE)LSDQLD(MSE)PVQIHLHETDFEVSESLETFNKRPTQRLADIGFLNERVS
CVH(MSE)TQVDDGDIKILQKTGASIIHCPESNLKLASGFCPIAKLSAANIPLAIGTDGAASNNDLD(MSE)FSETKTAA
LLAKGVSQDASAIPAIEALT(MSE)ATLGGARALGIDDITGSLKPGKAADIQAIDLNTLSSQPVFDPVSH(MSE)VYCTK
STQVSHVWVNGRCLLKNGELTTLNEETLINHAKAWASAIRTPIK
;
_entity_poly.pdbx_strand_id   A
#
loop_
_chem_comp.id
_chem_comp.type
_chem_comp.name
_chem_comp.formula
ACY non-polymer 'ACETIC ACID' 'C2 H4 O2'
CA non-polymer 'CALCIUM ION' 'Ca 2'
PEG non-polymer DI(HYDROXYETHYL)ETHER 'C4 H10 O3'
#
# COMPACT_ATOMS: atom_id res chain seq x y z
N ALA A 21 -23.14 14.54 21.40
CA ALA A 21 -23.25 15.20 20.10
C ALA A 21 -23.37 14.19 18.98
N HIS A 22 -24.03 14.58 17.89
CA HIS A 22 -24.17 13.72 16.74
C HIS A 22 -22.80 13.26 16.20
N ALA A 23 -21.89 14.20 15.97
CA ALA A 23 -20.54 13.83 15.51
C ALA A 23 -19.62 13.52 16.68
N ASP A 24 -18.80 12.49 16.52
CA ASP A 24 -17.80 12.16 17.53
C ASP A 24 -16.68 13.18 17.51
N LEU A 25 -16.24 13.55 16.32
CA LEU A 25 -15.07 14.41 16.18
C LEU A 25 -15.25 15.40 15.04
N ARG A 26 -14.84 16.64 15.28
CA ARG A 26 -14.75 17.65 14.24
C ARG A 26 -13.29 18.02 14.13
N ILE A 27 -12.73 17.91 12.92
CA ILE A 27 -11.35 18.33 12.69
C ILE A 27 -11.34 19.56 11.81
N ASN A 28 -10.77 20.65 12.32
CA ASN A 28 -10.61 21.87 11.55
C ASN A 28 -9.20 21.95 10.99
N SER A 29 -9.10 22.26 9.70
N SER A 29 -9.08 22.22 9.70
CA SER A 29 -7.81 22.40 9.05
CA SER A 29 -7.77 22.46 9.11
C SER A 29 -7.90 23.41 7.91
C SER A 29 -7.90 23.42 7.95
N HIS A 30 -6.83 24.16 7.70
CA HIS A 30 -6.82 25.19 6.67
C HIS A 30 -7.03 24.57 5.27
N TRP A 31 -6.43 23.41 5.05
CA TRP A 31 -6.54 22.74 3.77
C TRP A 31 -7.07 21.32 3.91
N ILE A 32 -7.93 20.93 2.98
CA ILE A 32 -8.32 19.53 2.84
C ILE A 32 -8.21 19.13 1.37
N ILE A 33 -7.48 18.06 1.11
CA ILE A 33 -7.40 17.47 -0.23
C ILE A 33 -8.23 16.18 -0.22
N PRO A 34 -9.48 16.24 -0.70
CA PRO A 34 -10.38 15.09 -0.58
C PRO A 34 -10.07 13.98 -1.57
N ILE A 35 -9.34 14.28 -2.64
CA ILE A 35 -9.06 13.34 -3.73
C ILE A 35 -10.27 13.09 -4.63
N GLU A 36 -11.44 12.84 -4.04
CA GLU A 36 -12.68 12.89 -4.80
C GLU A 36 -13.55 14.07 -4.38
N ASN A 37 -13.89 14.93 -5.35
CA ASN A 37 -14.76 16.07 -5.10
C ASN A 37 -16.22 15.67 -4.93
N THR A 38 -16.92 16.33 -4.02
CA THR A 38 -18.37 16.16 -3.87
C THR A 38 -19.08 17.51 -3.78
N VAL A 44 -14.64 22.50 -8.47
CA VAL A 44 -13.76 21.67 -9.29
C VAL A 44 -12.27 21.95 -9.00
N SER A 45 -12.00 22.51 -7.83
CA SER A 45 -10.63 22.66 -7.36
C SER A 45 -10.24 21.41 -6.58
N ASN A 46 -8.96 21.06 -6.58
CA ASN A 46 -8.51 19.84 -5.90
C ASN A 46 -8.33 20.01 -4.40
N ILE A 47 -8.71 21.17 -3.88
CA ILE A 47 -8.41 21.47 -2.49
C ILE A 47 -9.53 22.32 -1.86
N LEU A 48 -9.73 22.21 -0.56
CA LEU A 48 -10.76 22.97 0.10
C LEU A 48 -10.12 23.85 1.15
N ILE A 49 -10.57 25.10 1.23
CA ILE A 49 -9.98 26.07 2.16
C ILE A 49 -10.88 26.27 3.36
N ASP A 50 -10.32 26.18 4.55
CA ASP A 50 -11.06 26.37 5.79
C ASP A 50 -12.37 25.58 5.86
N HIS A 51 -12.26 24.29 5.52
CA HIS A 51 -13.35 23.36 5.74
C HIS A 51 -13.04 22.52 6.97
N CYS A 52 -13.98 21.66 7.35
CA CYS A 52 -13.75 20.80 8.48
C CYS A 52 -14.27 19.42 8.11
N LEU A 53 -13.78 18.40 8.81
N LEU A 53 -13.83 18.43 8.87
CA LEU A 53 -14.28 17.05 8.64
CA LEU A 53 -14.27 17.07 8.66
C LEU A 53 -15.07 16.66 9.87
C LEU A 53 -15.04 16.59 9.88
N LEU A 54 -16.24 16.08 9.67
CA LEU A 54 -17.05 15.56 10.77
C LEU A 54 -17.12 14.05 10.69
N ILE A 55 -16.76 13.39 11.79
CA ILE A 55 -16.66 11.95 11.82
C ILE A 55 -17.61 11.39 12.88
N LYS A 56 -18.28 10.29 12.56
CA LYS A 56 -19.10 9.58 13.55
C LYS A 56 -18.98 8.07 13.34
N ASP A 57 -18.75 7.35 14.43
CA ASP A 57 -18.61 5.89 14.33
C ASP A 57 -17.61 5.49 13.23
N GLY A 58 -16.50 6.21 13.16
CA GLY A 58 -15.44 5.90 12.21
C GLY A 58 -15.76 6.26 10.76
N ILE A 59 -16.86 6.99 10.57
CA ILE A 59 -17.35 7.29 9.25
C ILE A 59 -17.36 8.81 9.00
N ILE A 60 -16.99 9.23 7.81
CA ILE A 60 -17.07 10.65 7.47
C ILE A 60 -18.53 11.07 7.29
N LEU A 61 -19.04 11.88 8.22
CA LEU A 61 -20.41 12.39 8.16
C LEU A 61 -20.53 13.48 7.12
N ALA A 62 -19.58 14.41 7.12
CA ALA A 62 -19.65 15.56 6.24
C ALA A 62 -18.33 16.29 6.17
N ILE A 63 -18.15 17.02 5.09
CA ILE A 63 -17.03 17.93 4.91
C ILE A 63 -17.65 19.28 4.55
N GLU A 64 -17.48 20.28 5.41
N GLU A 64 -17.48 20.28 5.41
CA GLU A 64 -18.18 21.56 5.22
CA GLU A 64 -18.18 21.55 5.25
C GLU A 64 -17.33 22.75 5.62
C GLU A 64 -17.32 22.75 5.60
N PRO A 65 -17.66 23.93 5.06
CA PRO A 65 -16.95 25.15 5.45
C PRO A 65 -17.05 25.31 6.97
N GLN A 66 -15.95 25.71 7.61
CA GLN A 66 -15.92 25.84 9.06
C GLN A 66 -16.91 26.90 9.54
N SER A 67 -17.03 27.98 8.78
CA SER A 67 -17.88 29.09 9.18
C SER A 67 -19.35 28.70 9.13
N SER A 68 -19.71 27.89 8.14
N SER A 68 -19.73 27.89 8.14
CA SER A 68 -21.09 27.51 7.90
CA SER A 68 -21.13 27.55 7.94
C SER A 68 -21.54 26.32 8.75
C SER A 68 -21.54 26.25 8.64
N CYS A 69 -20.59 25.58 9.28
CA CYS A 69 -20.89 24.29 9.91
C CYS A 69 -21.80 24.34 11.14
N GLN A 70 -22.89 23.56 11.11
CA GLN A 70 -23.85 23.55 12.20
C GLN A 70 -23.99 22.17 12.83
N ILE A 71 -22.98 21.35 12.66
CA ILE A 71 -23.00 20.02 13.26
C ILE A 71 -22.10 19.98 14.49
N PRO A 72 -22.70 19.96 15.69
CA PRO A 72 -21.94 19.91 16.94
C PRO A 72 -21.12 18.63 17.00
N ALA A 73 -20.05 18.64 17.77
CA ALA A 73 -19.18 17.48 17.86
C ALA A 73 -18.73 17.26 19.29
N THR A 74 -18.66 16.01 19.70
CA THR A 74 -18.25 15.71 21.06
C THR A 74 -16.88 16.31 21.32
N GLU A 75 -15.96 16.10 20.38
N GLU A 75 -15.95 16.09 20.39
CA GLU A 75 -14.60 16.61 20.51
CA GLU A 75 -14.58 16.60 20.50
C GLU A 75 -14.22 17.37 19.24
C GLU A 75 -14.22 17.37 19.25
N THR A 76 -13.46 18.46 19.41
CA THR A 76 -13.03 19.26 18.28
C THR A 76 -11.50 19.40 18.30
N LEU A 77 -10.88 19.28 17.13
CA LEU A 77 -9.43 19.43 17.01
C LEU A 77 -9.12 20.57 16.04
N ASP A 78 -8.31 21.53 16.49
CA ASP A 78 -7.97 22.69 15.68
C ASP A 78 -6.54 22.51 15.16
N LEU A 79 -6.38 22.20 13.88
CA LEU A 79 -5.05 21.88 13.37
C LEU A 79 -4.31 23.07 12.76
N GLY A 80 -5.06 24.11 12.36
CA GLY A 80 -4.45 25.29 11.79
C GLY A 80 -3.89 25.04 10.39
N GLN A 81 -2.64 25.45 10.16
CA GLN A 81 -1.99 25.38 8.85
C GLN A 81 -1.49 23.98 8.47
N GLN A 82 -2.42 23.05 8.38
CA GLN A 82 -2.11 21.66 8.04
C GLN A 82 -3.03 21.22 6.90
N VAL A 83 -2.59 20.19 6.18
CA VAL A 83 -3.39 19.57 5.14
C VAL A 83 -3.94 18.25 5.64
N LEU A 84 -5.26 18.06 5.52
CA LEU A 84 -5.90 16.79 5.75
C LEU A 84 -6.12 16.13 4.41
N MSE A 85 -5.75 14.86 4.30
CA MSE A 85 -5.98 14.12 3.07
C MSE A 85 -6.15 12.65 3.44
O MSE A 85 -5.91 12.26 4.58
CB MSE A 85 -4.82 14.35 2.08
CG MSE A 85 -3.48 13.91 2.60
SE MSE A 85 -2.08 14.03 1.23
CE MSE A 85 -2.68 12.54 0.11
N PRO A 86 -6.59 11.82 2.48
CA PRO A 86 -6.74 10.40 2.84
C PRO A 86 -5.38 9.82 3.25
N GLY A 87 -5.36 8.90 4.21
CA GLY A 87 -4.13 8.18 4.49
C GLY A 87 -3.71 7.44 3.22
N TRP A 88 -2.41 7.17 3.09
CA TRP A 88 -1.89 6.47 1.93
C TRP A 88 -2.40 5.03 1.91
N VAL A 89 -2.51 4.47 0.71
CA VAL A 89 -2.72 3.04 0.55
C VAL A 89 -1.48 2.47 -0.11
N ASN A 90 -0.66 1.81 0.69
CA ASN A 90 0.59 1.21 0.22
C ASN A 90 0.23 -0.15 -0.37
N ALA A 91 0.14 -0.20 -1.69
CA ALA A 91 -0.57 -1.28 -2.37
C ALA A 91 0.30 -2.51 -2.69
N HIS A 92 1.55 -2.49 -2.28
CA HIS A 92 2.36 -3.71 -2.38
C HIS A 92 3.55 -3.70 -1.45
N GLY A 93 3.66 -4.73 -0.62
CA GLY A 93 4.74 -4.78 0.36
C GLY A 93 4.89 -6.16 0.98
N HIS A 94 5.86 -6.25 1.89
CA HIS A 94 6.14 -7.46 2.64
C HIS A 94 6.53 -6.94 4.00
N ALA A 95 5.54 -6.73 4.85
CA ALA A 95 5.76 -5.92 6.02
C ALA A 95 6.86 -6.49 6.92
N ALA A 96 6.83 -7.80 7.16
CA ALA A 96 7.77 -8.38 8.11
C ALA A 96 9.23 -8.28 7.66
N MSE A 97 9.46 -8.02 6.38
CA MSE A 97 10.83 -7.87 5.87
C MSE A 97 11.46 -6.55 6.34
O MSE A 97 12.59 -6.21 6.00
CB MSE A 97 10.87 -7.95 4.34
CG MSE A 97 10.42 -9.31 3.76
SE MSE A 97 10.71 -9.50 1.82
CE MSE A 97 12.60 -10.02 1.85
N SER A 98 10.70 -5.80 7.13
CA SER A 98 11.30 -4.68 7.85
C SER A 98 12.51 -5.19 8.62
N LEU A 99 12.47 -6.44 9.08
CA LEU A 99 13.59 -6.99 9.87
C LEU A 99 14.79 -7.36 9.00
N PHE A 100 14.61 -7.32 7.68
CA PHE A 100 15.74 -7.46 6.75
C PHE A 100 16.13 -6.10 6.13
N ARG A 101 15.79 -5.00 6.80
CA ARG A 101 16.03 -3.66 6.25
C ARG A 101 17.48 -3.43 5.82
N GLY A 102 17.71 -3.26 4.53
CA GLY A 102 19.07 -3.06 4.02
C GLY A 102 19.95 -4.26 4.33
N LEU A 103 19.37 -5.45 4.25
CA LEU A 103 20.12 -6.66 4.55
C LEU A 103 21.36 -6.81 3.66
N ALA A 104 21.23 -6.51 2.37
CA ALA A 104 22.33 -6.70 1.43
C ALA A 104 22.18 -5.80 0.20
N ASP A 105 22.59 -4.55 0.35
CA ASP A 105 22.38 -3.55 -0.67
C ASP A 105 23.42 -3.62 -1.80
N ASP A 106 23.05 -3.08 -2.95
CA ASP A 106 23.98 -2.88 -4.05
C ASP A 106 24.48 -4.20 -4.67
N LEU A 107 23.57 -5.17 -4.75
CA LEU A 107 23.88 -6.44 -5.41
C LEU A 107 22.80 -6.76 -6.45
N PRO A 108 23.18 -7.50 -7.50
CA PRO A 108 22.29 -7.97 -8.56
C PRO A 108 21.18 -8.85 -8.00
N LEU A 109 20.01 -8.82 -8.62
CA LEU A 109 18.86 -9.58 -8.13
C LEU A 109 19.27 -11.00 -7.70
N MSE A 110 20.12 -11.64 -8.51
CA MSE A 110 20.44 -13.05 -8.31
C MSE A 110 21.27 -13.33 -7.07
O MSE A 110 20.98 -14.28 -6.34
CB MSE A 110 21.10 -13.64 -9.54
CG MSE A 110 20.58 -15.03 -9.85
SE MSE A 110 18.62 -15.05 -9.67
CE MSE A 110 18.41 -16.89 -9.06
N THR A 111 22.31 -12.54 -6.84
CA THR A 111 23.11 -12.69 -5.64
C THR A 111 22.29 -12.29 -4.42
N TRP A 112 21.52 -11.21 -4.57
CA TRP A 112 20.67 -10.71 -3.50
C TRP A 112 19.76 -11.82 -2.99
N LEU A 113 19.05 -12.46 -3.91
CA LEU A 113 18.16 -13.57 -3.58
C LEU A 113 18.88 -14.80 -3.05
N GLN A 114 19.84 -15.32 -3.81
CA GLN A 114 20.42 -16.63 -3.52
C GLN A 114 21.35 -16.65 -2.32
N GLU A 115 22.12 -15.58 -2.16
N GLU A 115 22.12 -15.58 -2.16
CA GLU A 115 23.13 -15.54 -1.11
CA GLU A 115 23.14 -15.53 -1.11
C GLU A 115 22.69 -14.79 0.15
C GLU A 115 22.69 -14.79 0.15
N HIS A 116 21.58 -14.06 0.08
CA HIS A 116 21.14 -13.25 1.22
C HIS A 116 19.68 -13.46 1.64
N VAL A 117 18.75 -13.12 0.76
CA VAL A 117 17.34 -13.10 1.15
C VAL A 117 16.79 -14.50 1.41
N TRP A 118 17.03 -15.43 0.49
CA TRP A 118 16.45 -16.78 0.61
C TRP A 118 17.00 -17.57 1.80
N PRO A 119 18.33 -17.55 2.00
CA PRO A 119 18.83 -18.20 3.20
C PRO A 119 18.28 -17.53 4.47
N ALA A 120 18.22 -16.21 4.49
CA ALA A 120 17.69 -15.51 5.67
C ALA A 120 16.24 -15.91 5.91
N GLU A 121 15.46 -15.97 4.83
CA GLU A 121 14.08 -16.40 4.97
C GLU A 121 13.97 -17.83 5.47
N ALA A 122 14.74 -18.75 4.88
CA ALA A 122 14.63 -20.15 5.26
C ALA A 122 15.00 -20.33 6.72
N GLN A 123 15.94 -19.53 7.18
CA GLN A 123 16.47 -19.69 8.53
C GLN A 123 15.67 -18.98 9.63
N HIS A 124 15.16 -17.79 9.33
CA HIS A 124 14.59 -16.92 10.37
C HIS A 124 13.08 -16.71 10.35
N VAL A 125 12.45 -16.85 9.20
CA VAL A 125 11.03 -16.47 9.11
C VAL A 125 10.07 -17.52 9.69
N ASP A 126 9.47 -17.18 10.83
CA ASP A 126 8.43 -18.00 11.45
C ASP A 126 7.36 -17.07 11.98
N GLU A 127 6.44 -17.59 12.79
CA GLU A 127 5.33 -16.78 13.30
C GLU A 127 5.78 -15.59 14.14
N HIS A 128 6.85 -15.82 14.91
CA HIS A 128 7.37 -14.78 15.78
C HIS A 128 8.07 -13.68 14.96
N PHE A 129 8.86 -14.08 13.97
CA PHE A 129 9.46 -13.13 13.03
C PHE A 129 8.38 -12.25 12.41
N VAL A 130 7.35 -12.88 11.85
CA VAL A 130 6.33 -12.12 11.15
C VAL A 130 5.56 -11.19 12.09
N LYS A 131 5.32 -11.64 13.31
CA LYS A 131 4.60 -10.77 14.26
C LYS A 131 5.42 -9.52 14.54
N GLN A 132 6.67 -9.70 14.94
CA GLN A 132 7.49 -8.57 15.36
C GLN A 132 7.89 -7.69 14.18
N GLY A 133 8.12 -8.30 13.02
CA GLY A 133 8.41 -7.54 11.81
C GLY A 133 7.24 -6.71 11.34
N THR A 134 6.03 -7.27 11.40
CA THR A 134 4.87 -6.52 10.95
C THR A 134 4.58 -5.34 11.88
N GLU A 135 4.75 -5.55 13.19
CA GLU A 135 4.57 -4.46 14.16
C GLU A 135 5.53 -3.34 13.84
N LEU A 136 6.79 -3.68 13.60
CA LEU A 136 7.80 -2.68 13.25
C LEU A 136 7.38 -1.94 11.98
N ALA A 137 7.00 -2.67 10.94
CA ALA A 137 6.58 -2.01 9.69
C ALA A 137 5.38 -1.11 9.93
N ILE A 138 4.41 -1.60 10.68
CA ILE A 138 3.19 -0.85 10.85
C ILE A 138 3.49 0.48 11.54
N ALA A 139 4.35 0.44 12.56
CA ALA A 139 4.68 1.65 13.26
C ALA A 139 5.34 2.66 12.32
N GLU A 140 6.29 2.19 11.49
CA GLU A 140 6.91 3.08 10.49
C GLU A 140 5.88 3.65 9.53
N MSE A 141 4.91 2.83 9.14
CA MSE A 141 3.95 3.25 8.13
C MSE A 141 3.01 4.30 8.70
O MSE A 141 2.74 5.31 8.06
CB MSE A 141 3.18 2.05 7.57
CG MSE A 141 4.10 1.19 6.70
SE MSE A 141 3.16 -0.18 5.68
CE MSE A 141 2.80 -1.42 7.15
N ILE A 142 2.48 4.05 9.89
CA ILE A 142 1.61 5.01 10.55
C ILE A 142 2.31 6.36 10.72
N GLN A 143 3.58 6.32 11.14
CA GLN A 143 4.36 7.55 11.33
C GLN A 143 4.59 8.32 10.06
N SER A 144 4.44 7.65 8.91
CA SER A 144 4.56 8.31 7.61
C SER A 144 3.21 8.42 6.87
N GLY A 145 2.11 8.33 7.61
CA GLY A 145 0.81 8.68 7.07
C GLY A 145 0.06 7.55 6.36
N THR A 146 0.59 6.33 6.39
CA THR A 146 -0.09 5.22 5.72
C THR A 146 -1.20 4.67 6.61
N THR A 147 -2.38 4.45 6.01
CA THR A 147 -3.54 3.94 6.75
C THR A 147 -4.01 2.57 6.26
N THR A 148 -3.61 2.16 5.05
CA THR A 148 -3.84 0.80 4.58
C THR A 148 -2.55 0.25 3.98
N PHE A 149 -2.16 -0.96 4.36
CA PHE A 149 -1.06 -1.61 3.64
C PHE A 149 -1.47 -2.95 3.03
N ALA A 150 -0.93 -3.25 1.86
CA ALA A 150 -1.03 -4.58 1.30
C ALA A 150 0.22 -5.35 1.70
N ASP A 151 0.04 -6.62 2.05
CA ASP A 151 1.13 -7.47 2.46
C ASP A 151 1.08 -8.79 1.68
N MSE A 152 2.21 -9.20 1.12
CA MSE A 152 2.29 -10.50 0.45
C MSE A 152 3.47 -11.27 1.04
O MSE A 152 4.60 -11.16 0.56
CB MSE A 152 2.49 -10.34 -1.06
CG MSE A 152 2.75 -11.67 -1.79
SE MSE A 152 3.45 -11.46 -3.62
CE MSE A 152 1.84 -10.73 -4.43
N TYR A 153 3.21 -12.06 2.07
CA TYR A 153 4.29 -12.69 2.78
C TYR A 153 3.83 -13.87 3.61
N PHE A 154 4.80 -14.64 4.09
CA PHE A 154 4.56 -15.81 4.92
C PHE A 154 3.84 -15.50 6.22
N TYR A 155 3.10 -16.48 6.74
CA TYR A 155 2.36 -16.35 7.99
C TYR A 155 1.45 -15.12 8.05
N PRO A 156 0.53 -14.99 7.07
CA PRO A 156 -0.34 -13.81 6.99
C PRO A 156 -1.23 -13.66 8.23
N GLN A 157 -1.52 -14.73 8.95
CA GLN A 157 -2.29 -14.57 10.17
C GLN A 157 -1.57 -13.70 11.19
N GLN A 158 -0.26 -13.88 11.31
CA GLN A 158 0.56 -13.06 12.20
C GLN A 158 0.50 -11.60 11.78
N SER A 159 0.64 -11.38 10.48
CA SER A 159 0.60 -10.03 9.93
C SER A 159 -0.78 -9.42 10.18
N GLY A 160 -1.82 -10.17 9.89
CA GLY A 160 -3.17 -9.70 10.09
C GLY A 160 -3.47 -9.39 11.54
N GLU A 161 -2.97 -10.24 12.43
CA GLU A 161 -3.19 -10.03 13.87
C GLU A 161 -2.50 -8.76 14.37
N ALA A 162 -1.27 -8.51 13.90
CA ALA A 162 -0.58 -7.27 14.25
C ALA A 162 -1.34 -6.04 13.73
N ALA A 163 -1.89 -6.14 12.52
CA ALA A 163 -2.69 -5.05 11.99
C ALA A 163 -3.88 -4.77 12.91
N LEU A 164 -4.57 -5.84 13.33
CA LEU A 164 -5.72 -5.70 14.23
C LEU A 164 -5.38 -5.00 15.53
N ALA A 165 -4.31 -5.42 16.18
CA ALA A 165 -3.90 -4.80 17.45
C ALA A 165 -3.45 -3.34 17.25
N ALA A 166 -2.84 -3.04 16.10
CA ALA A 166 -2.38 -1.67 15.85
C ALA A 166 -3.52 -0.74 15.46
N GLY A 167 -4.57 -1.30 14.84
CA GLY A 167 -5.68 -0.48 14.36
C GLY A 167 -5.55 0.00 12.92
N ILE A 168 -4.55 -0.50 12.20
CA ILE A 168 -4.34 -0.11 10.80
C ILE A 168 -5.13 -1.02 9.85
N ARG A 169 -5.60 -0.49 8.74
CA ARG A 169 -6.27 -1.31 7.71
C ARG A 169 -5.25 -2.13 6.92
N ALA A 170 -5.56 -3.39 6.64
CA ALA A 170 -4.63 -4.26 5.94
C ALA A 170 -5.30 -5.19 4.94
N VAL A 171 -4.62 -5.44 3.82
CA VAL A 171 -5.00 -6.52 2.92
C VAL A 171 -3.84 -7.50 2.83
N CYS A 172 -4.00 -8.66 3.46
CA CYS A 172 -2.93 -9.65 3.47
C CYS A 172 -3.15 -10.67 2.37
N PHE A 173 -2.36 -10.56 1.30
CA PHE A 173 -2.44 -11.47 0.17
C PHE A 173 -1.62 -12.71 0.52
N ALA A 174 -2.30 -13.75 0.99
CA ALA A 174 -1.63 -14.95 1.46
C ALA A 174 -0.86 -15.54 0.28
N PRO A 175 0.42 -15.87 0.49
CA PRO A 175 1.26 -16.32 -0.63
C PRO A 175 0.82 -17.65 -1.20
N VAL A 176 0.98 -17.78 -2.51
CA VAL A 176 0.84 -19.07 -3.18
C VAL A 176 2.06 -19.24 -4.08
N LEU A 177 2.65 -20.42 -4.03
CA LEU A 177 3.87 -20.73 -4.77
C LEU A 177 3.77 -22.18 -5.19
N ASP A 178 4.48 -22.55 -6.25
CA ASP A 178 4.60 -23.94 -6.68
C ASP A 178 5.60 -24.73 -5.84
N PHE A 179 6.56 -24.02 -5.25
N PHE A 179 6.60 -24.05 -5.28
CA PHE A 179 7.71 -24.62 -4.56
CA PHE A 179 7.68 -24.74 -4.58
C PHE A 179 7.58 -24.60 -3.03
C PHE A 179 7.61 -24.62 -3.07
N PRO A 180 8.23 -25.57 -2.36
CA PRO A 180 8.17 -25.69 -0.89
C PRO A 180 8.92 -24.60 -0.13
N THR A 181 8.30 -24.11 0.94
CA THR A 181 9.00 -23.28 1.92
C THR A 181 8.62 -23.86 3.26
N ASN A 182 9.13 -23.26 4.34
CA ASN A 182 8.73 -23.67 5.68
C ASN A 182 7.24 -23.46 5.88
N TYR A 183 6.73 -22.38 5.29
CA TYR A 183 5.33 -22.03 5.43
C TYR A 183 4.36 -23.02 4.77
N ALA A 184 4.73 -23.55 3.60
CA ALA A 184 3.88 -24.51 2.93
C ALA A 184 4.66 -25.31 1.90
N GLN A 185 4.25 -26.56 1.69
CA GLN A 185 4.97 -27.51 0.85
C GLN A 185 4.67 -27.46 -0.64
N ASN A 186 3.45 -27.00 -0.97
CA ASN A 186 2.97 -27.04 -2.35
C ASN A 186 1.75 -26.15 -2.55
N ALA A 187 1.40 -25.92 -3.80
CA ALA A 187 0.36 -24.94 -4.14
C ALA A 187 -0.92 -25.17 -3.34
N ASP A 188 -1.38 -26.42 -3.32
CA ASP A 188 -2.61 -26.77 -2.61
C ASP A 188 -2.56 -26.41 -1.12
N GLU A 189 -1.39 -26.57 -0.50
CA GLU A 189 -1.25 -26.17 0.89
C GLU A 189 -1.22 -24.66 1.07
N TYR A 190 -0.54 -23.95 0.18
CA TYR A 190 -0.57 -22.49 0.22
C TYR A 190 -2.03 -22.03 0.14
N ILE A 191 -2.79 -22.63 -0.77
CA ILE A 191 -4.18 -22.21 -0.98
C ILE A 191 -5.02 -22.55 0.25
N ARG A 192 -4.78 -23.73 0.82
CA ARG A 192 -5.48 -24.13 2.04
C ARG A 192 -5.31 -23.10 3.13
N LYS A 193 -4.07 -22.68 3.34
CA LYS A 193 -3.79 -21.76 4.43
C LYS A 193 -4.38 -20.38 4.17
N ALA A 194 -4.47 -20.00 2.89
CA ALA A 194 -5.13 -18.74 2.55
C ALA A 194 -6.62 -18.82 2.91
N ILE A 195 -7.26 -19.92 2.57
CA ILE A 195 -8.68 -20.13 2.89
C ILE A 195 -8.89 -20.10 4.40
N GLU A 196 -8.04 -20.82 5.13
CA GLU A 196 -8.08 -20.82 6.59
C GLU A 196 -7.90 -19.43 7.19
N CYS A 197 -6.99 -18.66 6.63
CA CYS A 197 -6.72 -17.32 7.13
C CYS A 197 -7.93 -16.40 6.86
N ASN A 198 -8.44 -16.42 5.63
CA ASN A 198 -9.67 -15.70 5.32
C ASN A 198 -10.80 -16.05 6.31
N ASP A 199 -11.00 -17.33 6.55
CA ASP A 199 -12.06 -17.74 7.45
C ASP A 199 -11.81 -17.23 8.87
N ARG A 200 -10.56 -17.34 9.32
CA ARG A 200 -10.22 -16.85 10.65
C ARG A 200 -10.51 -15.35 10.80
N PHE A 201 -10.21 -14.55 9.78
CA PHE A 201 -10.48 -13.12 9.88
C PHE A 201 -11.93 -12.70 9.70
N ASN A 202 -12.70 -13.50 8.98
CA ASN A 202 -14.15 -13.31 8.91
C ASN A 202 -14.81 -13.53 10.28
N ASN A 203 -14.15 -14.31 11.13
CA ASN A 203 -14.74 -14.72 12.39
C ASN A 203 -13.99 -14.21 13.63
N HIS A 204 -12.96 -13.40 13.40
CA HIS A 204 -12.14 -12.90 14.50
C HIS A 204 -12.96 -11.89 15.32
N PRO A 205 -13.01 -12.09 16.64
CA PRO A 205 -13.67 -11.16 17.56
C PRO A 205 -13.22 -9.69 17.42
N MSE A 206 -11.96 -9.47 17.09
N MSE A 206 -11.94 -9.48 17.12
CA MSE A 206 -11.45 -8.10 16.98
CA MSE A 206 -11.37 -8.14 16.96
C MSE A 206 -11.51 -7.58 15.54
C MSE A 206 -11.60 -7.54 15.57
O MSE A 206 -10.98 -6.51 15.27
O MSE A 206 -11.29 -6.39 15.34
CB MSE A 206 -10.03 -8.02 17.53
CB MSE A 206 -9.86 -8.13 17.25
CG MSE A 206 -9.88 -8.54 18.97
CG MSE A 206 -9.46 -8.23 18.73
SE MSE A 206 -11.00 -7.58 20.27
SE MSE A 206 -7.53 -7.98 19.03
CE MSE A 206 -12.03 -9.10 20.95
CE MSE A 206 -7.34 -6.13 18.46
N ASN A 207 -12.12 -8.34 14.65
CA ASN A 207 -12.22 -7.89 13.25
C ASN A 207 -13.63 -7.57 12.76
N GLU A 208 -14.55 -7.31 13.68
CA GLU A 208 -15.93 -7.01 13.32
C GLU A 208 -16.05 -5.83 12.37
N GLN A 209 -15.13 -4.88 12.45
CA GLN A 209 -15.15 -3.70 11.58
C GLN A 209 -14.58 -3.98 10.18
N GLY A 210 -14.02 -5.15 9.97
CA GLY A 210 -13.45 -5.49 8.67
C GLY A 210 -12.19 -4.72 8.29
N LEU A 211 -11.39 -4.31 9.27
CA LEU A 211 -10.12 -3.62 8.97
C LEU A 211 -9.15 -4.52 8.21
N VAL A 212 -9.19 -5.80 8.54
CA VAL A 212 -8.29 -6.75 7.91
C VAL A 212 -9.01 -7.64 6.90
N GLN A 213 -8.55 -7.59 5.66
N GLN A 213 -8.52 -7.63 5.66
CA GLN A 213 -9.05 -8.46 4.61
CA GLN A 213 -9.08 -8.44 4.59
C GLN A 213 -7.94 -9.43 4.18
C GLN A 213 -8.00 -9.37 4.02
N ILE A 214 -8.31 -10.66 3.89
CA ILE A 214 -7.35 -11.63 3.35
C ILE A 214 -7.56 -11.84 1.84
N GLY A 215 -6.47 -11.98 1.09
CA GLY A 215 -6.58 -12.23 -0.34
C GLY A 215 -5.64 -13.36 -0.75
N PHE A 216 -5.53 -13.60 -2.06
CA PHE A 216 -4.57 -14.56 -2.59
C PHE A 216 -3.39 -13.83 -3.20
N GLY A 217 -2.18 -14.24 -2.86
CA GLY A 217 -0.97 -13.66 -3.42
C GLY A 217 -0.09 -14.64 -4.19
N PRO A 218 -0.57 -15.14 -5.34
CA PRO A 218 0.35 -15.91 -6.18
C PRO A 218 1.54 -15.01 -6.53
N HIS A 219 2.75 -15.47 -6.27
CA HIS A 219 3.91 -14.61 -6.45
C HIS A 219 4.04 -14.08 -7.89
N ALA A 220 4.12 -14.99 -8.85
CA ALA A 220 4.34 -14.58 -10.23
C ALA A 220 4.00 -15.72 -11.17
N PRO A 221 3.73 -15.38 -12.45
CA PRO A 221 3.40 -16.41 -13.43
C PRO A 221 4.48 -17.50 -13.52
N TYR A 222 5.74 -17.15 -13.27
CA TYR A 222 6.80 -18.13 -13.41
C TYR A 222 7.04 -18.98 -12.15
N THR A 223 6.30 -18.71 -11.08
CA THR A 223 6.40 -19.52 -9.87
C THR A 223 5.08 -20.21 -9.48
N VAL A 224 4.03 -19.93 -10.24
CA VAL A 224 2.72 -20.58 -10.00
C VAL A 224 2.14 -21.14 -11.31
N SER A 225 1.71 -22.39 -11.27
CA SER A 225 1.19 -23.07 -12.46
C SER A 225 -0.28 -22.74 -12.77
N ASP A 226 -0.74 -23.14 -13.95
CA ASP A 226 -2.09 -22.79 -14.41
C ASP A 226 -3.18 -23.31 -13.48
N GLU A 227 -3.04 -24.56 -13.05
CA GLU A 227 -4.06 -25.18 -12.20
C GLU A 227 -4.37 -24.42 -10.91
N PRO A 228 -3.33 -24.11 -10.10
CA PRO A 228 -3.52 -23.32 -8.88
C PRO A 228 -4.07 -21.92 -9.19
N LEU A 229 -3.66 -21.35 -10.33
CA LEU A 229 -4.14 -20.03 -10.73
C LEU A 229 -5.65 -20.06 -11.00
N LYS A 230 -6.12 -21.12 -11.64
CA LYS A 230 -7.55 -21.25 -11.89
C LYS A 230 -8.33 -21.51 -10.61
N GLU A 231 -7.73 -22.27 -9.68
CA GLU A 231 -8.35 -22.49 -8.38
C GLU A 231 -8.51 -21.15 -7.71
N ILE A 232 -7.45 -20.35 -7.75
CA ILE A 232 -7.47 -19.01 -7.13
C ILE A 232 -8.63 -18.16 -7.69
N THR A 233 -8.78 -18.16 -9.00
CA THR A 233 -9.88 -17.43 -9.65
C THR A 233 -11.24 -17.86 -9.11
N MSE A 234 -11.49 -19.17 -9.04
CA MSE A 234 -12.76 -19.67 -8.52
C MSE A 234 -12.93 -19.32 -7.05
O MSE A 234 -13.98 -18.82 -6.64
CB MSE A 234 -12.83 -21.19 -8.67
CG MSE A 234 -12.98 -21.67 -10.10
SE MSE A 234 -14.75 -21.27 -10.78
CE MSE A 234 -15.75 -22.73 -9.93
N LEU A 235 -11.91 -19.59 -6.24
CA LEU A 235 -12.00 -19.32 -4.81
C LEU A 235 -12.11 -17.83 -4.53
N SER A 236 -11.36 -17.04 -5.29
CA SER A 236 -11.39 -15.59 -5.14
C SER A 236 -12.83 -15.09 -5.30
N ASP A 237 -13.52 -15.60 -6.31
CA ASP A 237 -14.92 -15.24 -6.55
C ASP A 237 -15.85 -15.73 -5.43
N GLN A 238 -15.72 -17.00 -5.06
CA GLN A 238 -16.64 -17.58 -4.08
C GLN A 238 -16.52 -16.90 -2.72
N LEU A 239 -15.30 -16.52 -2.34
CA LEU A 239 -15.04 -16.01 -1.00
C LEU A 239 -14.86 -14.48 -0.98
N ASP A 240 -15.04 -13.84 -2.13
CA ASP A 240 -14.92 -12.38 -2.24
C ASP A 240 -13.54 -11.89 -1.78
N MSE A 241 -12.49 -12.51 -2.30
CA MSE A 241 -11.13 -12.17 -1.90
C MSE A 241 -10.39 -11.52 -3.06
O MSE A 241 -10.53 -11.96 -4.20
CB MSE A 241 -10.37 -13.42 -1.47
CG MSE A 241 -10.93 -14.05 -0.19
SE MSE A 241 -10.18 -15.83 0.18
CE MSE A 241 -8.32 -15.26 0.50
N PRO A 242 -9.60 -10.48 -2.76
CA PRO A 242 -8.75 -9.83 -3.76
C PRO A 242 -7.57 -10.73 -4.12
N VAL A 243 -6.98 -10.49 -5.29
CA VAL A 243 -5.82 -11.25 -5.77
C VAL A 243 -4.72 -10.27 -6.20
N GLN A 244 -3.48 -10.57 -5.84
CA GLN A 244 -2.34 -9.80 -6.30
C GLN A 244 -1.26 -10.72 -6.88
N ILE A 245 -0.65 -10.29 -7.98
CA ILE A 245 0.42 -11.05 -8.62
C ILE A 245 1.43 -10.10 -9.26
N HIS A 246 2.70 -10.51 -9.31
CA HIS A 246 3.68 -9.80 -10.14
C HIS A 246 3.30 -9.98 -11.59
N LEU A 247 3.53 -8.97 -12.40
CA LEU A 247 3.32 -9.13 -13.84
C LEU A 247 4.32 -8.28 -14.63
N HIS A 248 5.12 -8.94 -15.46
CA HIS A 248 6.08 -8.24 -16.31
C HIS A 248 7.04 -7.37 -15.51
N GLU A 249 7.59 -7.92 -14.43
CA GLU A 249 8.56 -7.16 -13.64
C GLU A 249 9.91 -6.99 -14.35
N THR A 250 10.31 -8.00 -15.12
CA THR A 250 11.63 -8.01 -15.77
C THR A 250 11.56 -8.52 -17.20
N ASP A 251 12.50 -8.08 -18.02
N ASP A 251 12.49 -8.09 -18.04
CA ASP A 251 12.62 -8.58 -19.39
CA ASP A 251 12.59 -8.60 -19.40
C ASP A 251 12.80 -10.10 -19.40
C ASP A 251 12.73 -10.12 -19.36
N PHE A 252 13.54 -10.60 -18.42
CA PHE A 252 13.78 -12.03 -18.30
C PHE A 252 12.48 -12.83 -18.17
N GLU A 253 11.58 -12.38 -17.31
CA GLU A 253 10.34 -13.11 -17.07
C GLU A 253 9.45 -13.15 -18.30
N VAL A 254 9.47 -12.07 -19.09
CA VAL A 254 8.69 -12.02 -20.32
C VAL A 254 9.27 -12.92 -21.41
N SER A 255 10.60 -12.90 -21.57
N SER A 255 10.59 -12.92 -21.57
CA SER A 255 11.27 -13.79 -22.50
CA SER A 255 11.25 -13.80 -22.53
C SER A 255 11.04 -15.24 -22.10
C SER A 255 11.07 -15.26 -22.11
N GLU A 256 11.25 -15.55 -20.82
CA GLU A 256 11.03 -16.89 -20.32
C GLU A 256 9.64 -17.40 -20.66
N SER A 257 8.62 -16.57 -20.43
CA SER A 257 7.25 -16.95 -20.72
C SER A 257 7.04 -17.20 -22.22
N LEU A 258 7.65 -16.37 -23.06
CA LEU A 258 7.55 -16.56 -24.50
C LEU A 258 8.18 -17.90 -24.93
N GLU A 259 9.30 -18.26 -24.32
CA GLU A 259 9.93 -19.55 -24.62
C GLU A 259 9.03 -20.69 -24.17
N THR A 260 8.57 -20.62 -22.93
CA THR A 260 7.85 -21.72 -22.30
C THR A 260 6.38 -21.86 -22.72
N PHE A 261 5.72 -20.73 -22.98
CA PHE A 261 4.29 -20.76 -23.32
C PHE A 261 4.00 -20.19 -24.70
N ASN A 262 5.01 -19.58 -25.30
CA ASN A 262 4.83 -18.88 -26.57
C ASN A 262 3.86 -17.70 -26.44
N LYS A 263 3.76 -17.16 -25.22
CA LYS A 263 2.90 -16.03 -24.93
C LYS A 263 3.61 -15.08 -23.98
N ARG A 264 3.26 -13.79 -24.01
CA ARG A 264 3.67 -12.89 -22.94
C ARG A 264 2.88 -13.34 -21.71
N PRO A 265 3.42 -13.12 -20.52
CA PRO A 265 2.65 -13.47 -19.33
C PRO A 265 1.23 -12.86 -19.34
N THR A 266 1.09 -11.60 -19.72
CA THR A 266 -0.22 -10.99 -19.80
C THR A 266 -1.19 -11.84 -20.61
N GLN A 267 -0.68 -12.40 -21.71
CA GLN A 267 -1.49 -13.22 -22.60
C GLN A 267 -1.84 -14.55 -21.95
N ARG A 268 -0.85 -15.17 -21.32
CA ARG A 268 -1.07 -16.41 -20.61
C ARG A 268 -2.20 -16.25 -19.60
N LEU A 269 -2.11 -15.22 -18.75
CA LEU A 269 -3.09 -15.02 -17.70
C LEU A 269 -4.47 -14.68 -18.29
N ALA A 270 -4.48 -13.89 -19.34
CA ALA A 270 -5.74 -13.52 -19.97
C ALA A 270 -6.43 -14.74 -20.55
N ASP A 271 -5.65 -15.62 -21.17
CA ASP A 271 -6.19 -16.83 -21.82
C ASP A 271 -6.80 -17.84 -20.86
N ILE A 272 -6.38 -17.84 -19.61
CA ILE A 272 -6.98 -18.73 -18.63
C ILE A 272 -8.00 -18.00 -17.77
N GLY A 273 -8.32 -16.76 -18.16
CA GLY A 273 -9.33 -15.99 -17.47
C GLY A 273 -8.96 -15.55 -16.06
N PHE A 274 -7.67 -15.50 -15.77
CA PHE A 274 -7.16 -15.10 -14.45
C PHE A 274 -7.26 -13.60 -14.17
N LEU A 275 -7.11 -12.78 -15.21
CA LEU A 275 -7.10 -11.34 -15.01
C LEU A 275 -8.52 -10.79 -14.97
N ASN A 276 -8.82 -10.01 -13.95
CA ASN A 276 -10.11 -9.34 -13.84
C ASN A 276 -9.99 -8.18 -12.88
N GLU A 277 -11.09 -7.50 -12.59
CA GLU A 277 -11.04 -6.27 -11.80
C GLU A 277 -10.44 -6.44 -10.41
N ARG A 278 -10.58 -7.61 -9.81
CA ARG A 278 -10.14 -7.77 -8.43
C ARG A 278 -8.66 -8.11 -8.33
N VAL A 279 -8.01 -8.34 -9.48
CA VAL A 279 -6.57 -8.61 -9.53
C VAL A 279 -5.73 -7.32 -9.64
N SER A 280 -4.69 -7.20 -8.82
CA SER A 280 -3.71 -6.15 -8.99
C SER A 280 -2.40 -6.75 -9.48
N CYS A 281 -1.79 -6.09 -10.47
CA CYS A 281 -0.59 -6.60 -11.13
C CYS A 281 0.58 -5.70 -10.78
N VAL A 282 1.57 -6.25 -10.10
CA VAL A 282 2.65 -5.45 -9.55
C VAL A 282 3.80 -5.31 -10.53
N HIS A 283 4.33 -4.09 -10.63
CA HIS A 283 5.55 -3.78 -11.39
C HIS A 283 5.32 -3.36 -12.84
N MSE A 284 5.08 -4.34 -13.71
N MSE A 284 5.11 -4.34 -13.70
CA MSE A 284 4.75 -4.02 -15.10
CA MSE A 284 4.78 -4.07 -15.09
C MSE A 284 5.74 -3.04 -15.71
C MSE A 284 5.74 -3.04 -15.70
O MSE A 284 5.36 -1.95 -16.17
O MSE A 284 5.33 -1.96 -16.14
CB MSE A 284 3.36 -3.39 -15.18
CB MSE A 284 3.35 -3.56 -15.20
CG MSE A 284 2.20 -4.35 -15.33
CG MSE A 284 2.31 -4.58 -14.76
SE MSE A 284 2.01 -5.24 -17.08
SE MSE A 284 2.11 -6.05 -16.04
CE MSE A 284 2.69 -3.84 -18.23
CE MSE A 284 1.85 -5.02 -17.67
N THR A 285 7.03 -3.39 -15.72
CA THR A 285 8.03 -2.53 -16.31
C THR A 285 8.18 -2.80 -17.81
N GLN A 286 7.75 -3.97 -18.24
CA GLN A 286 7.81 -4.39 -19.65
C GLN A 286 6.42 -4.31 -20.28
N VAL A 287 6.19 -3.29 -21.09
CA VAL A 287 4.85 -3.00 -21.60
C VAL A 287 4.83 -2.80 -23.11
N ASP A 288 3.96 -3.52 -23.80
CA ASP A 288 3.69 -3.23 -25.20
C ASP A 288 2.21 -2.91 -25.43
N ASP A 289 1.83 -2.61 -26.67
CA ASP A 289 0.46 -2.20 -26.93
C ASP A 289 -0.53 -3.32 -26.69
N GLY A 290 -0.11 -4.56 -26.94
CA GLY A 290 -0.94 -5.72 -26.67
C GLY A 290 -1.22 -5.88 -25.17
N ASP A 291 -0.21 -5.64 -24.35
CA ASP A 291 -0.41 -5.66 -22.90
C ASP A 291 -1.49 -4.66 -22.50
N ILE A 292 -1.37 -3.43 -23.01
CA ILE A 292 -2.30 -2.39 -22.65
C ILE A 292 -3.75 -2.75 -23.02
N LYS A 293 -3.94 -3.31 -24.22
CA LYS A 293 -5.26 -3.75 -24.64
C LYS A 293 -5.81 -4.82 -23.72
N ILE A 294 -4.98 -5.81 -23.38
CA ILE A 294 -5.37 -6.86 -22.46
C ILE A 294 -5.77 -6.30 -21.10
N LEU A 295 -5.02 -5.31 -20.63
CA LEU A 295 -5.32 -4.68 -19.34
C LEU A 295 -6.62 -3.88 -19.39
N GLN A 296 -6.82 -3.14 -20.48
CA GLN A 296 -8.06 -2.41 -20.69
C GLN A 296 -9.27 -3.36 -20.75
N LYS A 297 -9.08 -4.50 -21.41
CA LYS A 297 -10.14 -5.51 -21.53
C LYS A 297 -10.53 -6.12 -20.18
N THR A 298 -9.54 -6.49 -19.38
CA THR A 298 -9.78 -7.29 -18.17
C THR A 298 -10.06 -6.47 -16.91
N GLY A 299 -9.75 -5.19 -16.95
CA GLY A 299 -10.03 -4.28 -15.85
C GLY A 299 -9.07 -4.37 -14.67
N ALA A 300 -7.95 -5.07 -14.82
CA ALA A 300 -7.01 -5.22 -13.71
C ALA A 300 -6.22 -3.93 -13.44
N SER A 301 -5.69 -3.81 -12.23
CA SER A 301 -4.95 -2.64 -11.79
C SER A 301 -3.45 -2.90 -11.87
N ILE A 302 -2.68 -1.82 -11.98
CA ILE A 302 -1.22 -1.88 -11.97
C ILE A 302 -0.71 -1.21 -10.71
N ILE A 303 0.14 -1.91 -9.97
CA ILE A 303 0.77 -1.32 -8.79
C ILE A 303 2.21 -0.95 -9.11
N HIS A 304 2.49 0.36 -9.07
CA HIS A 304 3.81 0.92 -9.41
C HIS A 304 4.72 0.96 -8.18
N CYS A 305 5.91 0.36 -8.30
CA CYS A 305 6.92 0.36 -7.23
C CYS A 305 8.24 0.92 -7.76
N PRO A 306 8.31 2.26 -7.96
CA PRO A 306 9.43 2.85 -8.68
C PRO A 306 10.79 2.63 -8.02
N GLU A 307 10.88 2.86 -6.71
CA GLU A 307 12.20 2.77 -6.10
C GLU A 307 12.76 1.35 -6.12
N SER A 308 11.91 0.37 -5.87
CA SER A 308 12.34 -1.01 -5.92
C SER A 308 12.74 -1.39 -7.36
N ASN A 309 11.95 -0.97 -8.35
CA ASN A 309 12.31 -1.21 -9.75
C ASN A 309 13.67 -0.62 -10.11
N LEU A 310 13.93 0.61 -9.67
CA LEU A 310 15.25 1.23 -9.89
C LEU A 310 16.34 0.44 -9.16
N LYS A 311 16.13 0.23 -7.87
CA LYS A 311 17.13 -0.41 -7.01
C LYS A 311 17.60 -1.76 -7.53
N LEU A 312 16.67 -2.56 -8.02
CA LEU A 312 16.99 -3.88 -8.54
C LEU A 312 17.19 -3.89 -10.06
N ALA A 313 17.18 -2.71 -10.68
CA ALA A 313 17.37 -2.60 -12.12
C ALA A 313 16.32 -3.38 -12.92
N SER A 314 15.05 -3.31 -12.49
CA SER A 314 13.99 -4.08 -13.17
C SER A 314 13.51 -3.37 -14.42
N GLY A 315 13.54 -2.04 -14.41
CA GLY A 315 13.13 -1.28 -15.59
C GLY A 315 12.30 -0.08 -15.20
N PHE A 316 11.51 0.43 -16.15
CA PHE A 316 10.78 1.68 -15.94
C PHE A 316 9.32 1.54 -16.32
N CYS A 317 8.45 1.37 -15.33
CA CYS A 317 7.02 1.30 -15.59
C CYS A 317 6.55 2.63 -16.20
N PRO A 318 5.97 2.57 -17.41
CA PRO A 318 5.57 3.78 -18.14
C PRO A 318 4.22 4.29 -17.67
N ILE A 319 4.15 4.77 -16.44
CA ILE A 319 2.86 5.16 -15.88
C ILE A 319 2.20 6.29 -16.64
N ALA A 320 2.98 7.14 -17.30
CA ALA A 320 2.35 8.19 -18.12
C ALA A 320 1.55 7.56 -19.23
N LYS A 321 2.17 6.61 -19.92
CA LYS A 321 1.52 5.91 -21.03
C LYS A 321 0.32 5.13 -20.50
N LEU A 322 0.50 4.45 -19.38
CA LEU A 322 -0.57 3.64 -18.82
C LEU A 322 -1.73 4.56 -18.42
N SER A 323 -1.40 5.68 -17.79
CA SER A 323 -2.43 6.64 -17.40
C SER A 323 -3.24 7.14 -18.59
N ALA A 324 -2.54 7.54 -19.65
CA ALA A 324 -3.22 8.03 -20.85
C ALA A 324 -4.14 6.96 -21.45
N ALA A 325 -3.84 5.70 -21.17
CA ALA A 325 -4.65 4.58 -21.66
C ALA A 325 -5.74 4.20 -20.66
N ASN A 326 -5.92 5.05 -19.65
CA ASN A 326 -6.94 4.82 -18.62
C ASN A 326 -6.77 3.51 -17.84
N ILE A 327 -5.55 3.06 -17.64
CA ILE A 327 -5.33 1.88 -16.81
C ILE A 327 -5.28 2.31 -15.34
N PRO A 328 -6.07 1.66 -14.48
CA PRO A 328 -6.05 2.01 -13.05
C PRO A 328 -4.66 1.80 -12.46
N LEU A 329 -4.13 2.81 -11.76
CA LEU A 329 -2.77 2.76 -11.26
C LEU A 329 -2.70 2.98 -9.74
N ALA A 330 -1.78 2.28 -9.08
CA ALA A 330 -1.57 2.46 -7.64
C ALA A 330 -0.09 2.49 -7.34
N ILE A 331 0.25 2.68 -6.07
CA ILE A 331 1.66 2.77 -5.70
C ILE A 331 1.99 1.88 -4.50
N GLY A 332 3.15 1.24 -4.54
CA GLY A 332 3.63 0.45 -3.41
C GLY A 332 5.10 0.71 -3.15
N THR A 333 5.56 0.49 -1.92
CA THR A 333 6.97 0.63 -1.61
C THR A 333 7.78 -0.64 -1.90
N ASP A 334 7.10 -1.77 -1.97
CA ASP A 334 7.78 -3.07 -1.92
C ASP A 334 8.34 -3.28 -0.50
N GLY A 335 9.24 -4.25 -0.33
CA GLY A 335 9.75 -4.58 1.01
C GLY A 335 11.02 -3.82 1.43
N ALA A 336 11.32 -3.83 2.73
CA ALA A 336 12.41 -3.00 3.26
C ALA A 336 13.81 -3.50 2.90
N ALA A 337 13.92 -4.67 2.27
CA ALA A 337 15.18 -5.16 1.71
C ALA A 337 15.44 -4.71 0.27
N SER A 338 14.46 -4.06 -0.35
CA SER A 338 14.68 -3.49 -1.67
C SER A 338 13.95 -2.16 -1.78
N ASN A 339 14.22 -1.27 -0.85
CA ASN A 339 13.69 0.08 -0.92
C ASN A 339 14.60 1.22 -0.41
N ASN A 340 14.89 1.33 0.90
CA ASN A 340 14.63 0.34 1.93
C ASN A 340 13.71 0.87 3.01
N ASP A 341 12.88 1.86 2.70
CA ASP A 341 11.93 2.35 3.70
C ASP A 341 10.51 2.12 3.24
N LEU A 342 9.55 2.51 4.07
CA LEU A 342 8.14 2.28 3.77
C LEU A 342 7.43 3.62 3.70
N ASP A 343 8.15 4.62 3.21
CA ASP A 343 7.71 6.01 3.21
C ASP A 343 7.00 6.33 1.89
N MSE A 344 5.66 6.45 1.93
CA MSE A 344 4.88 6.72 0.73
C MSE A 344 5.02 8.17 0.25
O MSE A 344 4.68 8.49 -0.89
CB MSE A 344 3.38 6.38 0.92
CG MSE A 344 3.08 4.88 0.97
SE MSE A 344 3.24 4.01 -0.76
CE MSE A 344 1.65 4.80 -1.64
N PHE A 345 5.47 9.07 1.11
CA PHE A 345 5.73 10.43 0.64
C PHE A 345 6.86 10.38 -0.37
N SER A 346 7.94 9.74 0.03
CA SER A 346 9.10 9.59 -0.84
C SER A 346 8.78 8.75 -2.09
N GLU A 347 8.02 7.66 -1.93
CA GLU A 347 7.69 6.80 -3.07
C GLU A 347 6.83 7.53 -4.12
N THR A 348 5.87 8.31 -3.65
CA THR A 348 4.98 9.05 -4.53
C THR A 348 5.75 10.16 -5.26
N LYS A 349 6.64 10.83 -4.54
N LYS A 349 6.66 10.82 -4.55
CA LYS A 349 7.54 11.81 -5.15
CA LYS A 349 7.52 11.82 -5.17
C LYS A 349 8.35 11.16 -6.26
C LYS A 349 8.39 11.18 -6.26
N THR A 350 8.99 10.04 -5.96
CA THR A 350 9.77 9.33 -6.97
C THR A 350 8.90 8.99 -8.18
N ALA A 351 7.67 8.54 -7.94
CA ALA A 351 6.80 8.15 -9.03
C ALA A 351 6.50 9.37 -9.93
N ALA A 352 6.15 10.50 -9.31
CA ALA A 352 5.84 11.71 -10.06
C ALA A 352 7.04 12.25 -10.85
N LEU A 353 8.22 12.22 -10.24
CA LEU A 353 9.43 12.71 -10.90
C LEU A 353 9.91 11.77 -12.00
N LEU A 354 9.97 10.48 -11.69
CA LEU A 354 10.49 9.52 -12.65
C LEU A 354 9.63 9.51 -13.91
N ALA A 355 8.33 9.71 -13.74
CA ALA A 355 7.39 9.61 -14.86
C ALA A 355 7.61 10.73 -15.88
N LYS A 356 7.95 11.92 -15.40
CA LYS A 356 8.28 13.03 -16.28
C LYS A 356 9.54 12.74 -17.09
N GLY A 357 10.53 12.15 -16.45
CA GLY A 357 11.74 11.79 -17.16
C GLY A 357 11.48 10.70 -18.18
N VAL A 358 10.76 9.66 -17.76
CA VAL A 358 10.55 8.51 -18.61
C VAL A 358 9.73 8.92 -19.85
N SER A 359 8.68 9.70 -19.63
CA SER A 359 7.79 10.11 -20.71
C SER A 359 8.32 11.31 -21.46
N GLN A 360 9.42 11.88 -20.96
CA GLN A 360 9.97 13.11 -21.52
C GLN A 360 8.92 14.22 -21.58
N ASP A 361 8.13 14.33 -20.52
CA ASP A 361 7.00 15.25 -20.51
C ASP A 361 6.82 15.79 -19.10
N ALA A 362 7.22 17.04 -18.92
CA ALA A 362 7.16 17.71 -17.62
C ALA A 362 5.76 17.84 -17.04
N SER A 363 4.74 17.71 -17.88
N SER A 363 4.73 17.72 -17.87
CA SER A 363 3.37 17.82 -17.38
CA SER A 363 3.36 17.82 -17.37
C SER A 363 2.76 16.46 -17.02
C SER A 363 2.75 16.46 -17.03
N ALA A 364 3.47 15.39 -17.33
CA ALA A 364 2.97 14.04 -17.06
C ALA A 364 2.88 13.75 -15.55
N ILE A 365 1.86 13.00 -15.13
CA ILE A 365 1.65 12.65 -13.73
C ILE A 365 1.81 13.87 -12.82
N PRO A 366 0.90 14.85 -12.96
CA PRO A 366 0.93 16.02 -12.06
C PRO A 366 0.67 15.61 -10.63
N ALA A 367 1.01 16.47 -9.68
CA ALA A 367 0.90 16.13 -8.27
C ALA A 367 -0.47 15.51 -7.86
N ILE A 368 -1.59 16.10 -8.27
CA ILE A 368 -2.90 15.57 -7.88
C ILE A 368 -3.07 14.12 -8.36
N GLU A 369 -2.56 13.82 -9.54
CA GLU A 369 -2.62 12.45 -10.04
C GLU A 369 -1.73 11.47 -9.24
N ALA A 370 -0.55 11.93 -8.85
CA ALA A 370 0.34 11.11 -8.00
C ALA A 370 -0.35 10.84 -6.67
N LEU A 371 -0.91 11.87 -6.05
CA LEU A 371 -1.61 11.67 -4.78
C LEU A 371 -2.78 10.69 -4.93
N THR A 372 -3.50 10.80 -6.04
CA THR A 372 -4.65 9.95 -6.30
C THR A 372 -4.25 8.48 -6.44
N MSE A 373 -3.16 8.22 -7.18
CA MSE A 373 -2.61 6.86 -7.26
C MSE A 373 -2.28 6.31 -5.87
O MSE A 373 -2.55 5.15 -5.55
CB MSE A 373 -1.34 6.86 -8.12
CG MSE A 373 -1.60 7.13 -9.60
SE MSE A 373 0.06 7.36 -10.61
CE MSE A 373 0.95 5.71 -10.09
N ALA A 374 -1.69 7.18 -5.05
CA ALA A 374 -1.14 6.75 -3.75
C ALA A 374 -2.22 6.55 -2.70
N THR A 375 -3.44 6.98 -3.02
CA THR A 375 -4.54 6.85 -2.08
C THR A 375 -5.69 6.07 -2.72
N LEU A 376 -6.59 6.76 -3.43
CA LEU A 376 -7.72 6.12 -4.09
C LEU A 376 -7.32 5.01 -5.10
N GLY A 377 -6.22 5.20 -5.81
CA GLY A 377 -5.74 4.18 -6.74
C GLY A 377 -5.45 2.87 -6.01
N GLY A 378 -4.80 2.97 -4.86
CA GLY A 378 -4.51 1.80 -4.06
C GLY A 378 -5.79 1.18 -3.54
N ALA A 379 -6.70 2.01 -3.02
CA ALA A 379 -7.98 1.48 -2.56
C ALA A 379 -8.68 0.67 -3.67
N ARG A 380 -8.78 1.26 -4.86
CA ARG A 380 -9.41 0.56 -5.98
C ARG A 380 -8.70 -0.76 -6.30
N ALA A 381 -7.36 -0.72 -6.32
CA ALA A 381 -6.56 -1.90 -6.66
C ALA A 381 -6.82 -3.05 -5.70
N LEU A 382 -7.00 -2.73 -4.42
CA LEU A 382 -7.18 -3.74 -3.38
C LEU A 382 -8.65 -4.10 -3.17
N GLY A 383 -9.52 -3.49 -3.95
CA GLY A 383 -10.95 -3.79 -3.88
C GLY A 383 -11.68 -3.12 -2.73
N ILE A 384 -11.11 -2.06 -2.16
CA ILE A 384 -11.71 -1.43 -0.98
C ILE A 384 -12.09 0.03 -1.19
N ASP A 385 -12.12 0.49 -2.44
CA ASP A 385 -12.45 1.88 -2.75
C ASP A 385 -13.88 2.28 -2.39
N ASP A 386 -14.76 1.30 -2.19
CA ASP A 386 -16.11 1.62 -1.72
C ASP A 386 -16.08 2.15 -0.28
N ILE A 387 -15.10 1.72 0.52
CA ILE A 387 -15.05 2.19 1.91
C ILE A 387 -13.93 3.17 2.24
N THR A 388 -12.83 3.15 1.49
CA THR A 388 -11.72 4.04 1.82
C THR A 388 -11.01 4.62 0.60
N GLY A 389 -10.02 5.48 0.84
CA GLY A 389 -9.20 5.98 -0.25
C GLY A 389 -9.47 7.40 -0.68
N SER A 390 -10.61 7.95 -0.28
CA SER A 390 -10.87 9.35 -0.57
C SER A 390 -11.76 9.88 0.54
N LEU A 391 -11.80 11.20 0.68
CA LEU A 391 -12.57 11.81 1.74
C LEU A 391 -13.95 12.16 1.21
N LYS A 392 -14.88 11.22 1.33
CA LYS A 392 -16.25 11.42 0.89
C LYS A 392 -17.18 11.03 2.01
N PRO A 393 -18.27 11.80 2.21
CA PRO A 393 -19.26 11.42 3.20
C PRO A 393 -19.65 9.97 3.00
N GLY A 394 -19.67 9.19 4.07
CA GLY A 394 -20.02 7.80 3.96
C GLY A 394 -18.82 6.86 3.95
N LYS A 395 -17.64 7.35 3.55
CA LYS A 395 -16.45 6.49 3.56
C LYS A 395 -15.78 6.51 4.93
N ALA A 396 -14.87 5.56 5.16
CA ALA A 396 -14.20 5.45 6.44
C ALA A 396 -13.32 6.69 6.71
N ALA A 397 -13.17 7.03 7.99
CA ALA A 397 -12.31 8.13 8.37
C ALA A 397 -10.86 7.67 8.46
N ASP A 398 -10.25 7.39 7.30
CA ASP A 398 -8.84 7.02 7.21
C ASP A 398 -8.12 8.29 6.74
N ILE A 399 -7.49 8.99 7.66
CA ILE A 399 -7.10 10.37 7.41
C ILE A 399 -5.70 10.63 7.92
N GLN A 400 -4.93 11.44 7.19
CA GLN A 400 -3.65 11.91 7.72
C GLN A 400 -3.61 13.43 7.68
N ALA A 401 -2.95 14.01 8.68
CA ALA A 401 -2.78 15.46 8.78
C ALA A 401 -1.30 15.81 8.63
N ILE A 402 -1.01 16.71 7.69
CA ILE A 402 0.38 17.09 7.41
C ILE A 402 0.62 18.54 7.80
N ASP A 403 1.56 18.76 8.71
CA ASP A 403 1.85 20.10 9.21
C ASP A 403 2.77 20.85 8.25
N LEU A 404 2.31 21.98 7.70
CA LEU A 404 3.12 22.74 6.74
C LEU A 404 3.97 23.85 7.37
N ASN A 405 3.75 24.10 8.65
N ASN A 405 3.78 24.04 8.68
CA ASN A 405 4.53 25.14 9.33
CA ASN A 405 4.50 25.05 9.44
C ASN A 405 5.91 24.62 9.71
C ASN A 405 5.93 24.58 9.74
N THR A 406 6.70 24.31 8.69
CA THR A 406 8.08 23.93 8.88
C THR A 406 8.91 24.60 7.80
N LEU A 407 10.20 24.82 8.09
N LEU A 407 10.19 24.79 8.11
CA LEU A 407 11.08 25.58 7.19
CA LEU A 407 11.13 25.51 7.27
C LEU A 407 11.10 25.02 5.78
C LEU A 407 11.19 25.02 5.82
N SER A 408 11.25 23.70 5.65
CA SER A 408 11.41 23.10 4.33
C SER A 408 10.14 23.10 3.46
N SER A 409 9.00 23.45 4.05
N SER A 409 8.99 23.46 4.03
CA SER A 409 7.71 23.49 3.35
CA SER A 409 7.75 23.50 3.28
C SER A 409 7.21 24.91 3.10
C SER A 409 7.18 24.91 3.16
N GLN A 410 8.01 25.90 3.48
CA GLN A 410 7.61 27.30 3.33
C GLN A 410 8.55 28.00 2.37
N PRO A 411 8.03 28.95 1.57
CA PRO A 411 6.61 29.30 1.46
C PRO A 411 5.84 28.20 0.74
N VAL A 412 4.52 28.32 0.73
CA VAL A 412 3.71 27.39 -0.03
C VAL A 412 2.80 28.15 -1.01
N PHE A 413 2.79 27.73 -2.27
CA PHE A 413 1.88 28.34 -3.25
C PHE A 413 0.72 27.41 -3.57
N ASP A 414 1.00 26.12 -3.75
CA ASP A 414 -0.06 25.13 -3.96
C ASP A 414 0.25 23.91 -3.10
N PRO A 415 -0.53 23.72 -2.03
CA PRO A 415 -0.29 22.62 -1.10
C PRO A 415 -0.35 21.26 -1.78
N VAL A 416 -1.16 21.13 -2.83
CA VAL A 416 -1.26 19.86 -3.52
C VAL A 416 0.10 19.46 -4.08
N SER A 417 0.78 20.37 -4.77
CA SER A 417 2.06 19.97 -5.32
C SER A 417 3.16 19.91 -4.27
N HIS A 418 3.03 20.70 -3.21
CA HIS A 418 3.95 20.59 -2.07
C HIS A 418 3.92 19.17 -1.49
N MSE A 419 2.72 18.60 -1.33
CA MSE A 419 2.60 17.24 -0.80
C MSE A 419 3.56 16.28 -1.53
O MSE A 419 4.16 15.39 -0.94
CB MSE A 419 1.15 16.72 -0.94
CG MSE A 419 0.11 17.47 -0.11
SE MSE A 419 0.50 17.32 1.81
CE MSE A 419 1.58 18.94 2.05
N VAL A 420 3.69 16.49 -2.83
CA VAL A 420 4.45 15.57 -3.66
C VAL A 420 5.93 15.98 -3.80
N TYR A 421 6.20 17.29 -3.92
CA TYR A 421 7.55 17.73 -4.27
C TYR A 421 8.45 18.27 -3.13
N CYS A 422 7.88 18.55 -1.96
CA CYS A 422 8.70 19.07 -0.85
C CYS A 422 8.03 18.87 0.52
N THR A 423 7.63 17.63 0.80
CA THR A 423 7.07 17.30 2.09
C THR A 423 7.83 16.11 2.64
N LYS A 424 8.25 16.19 3.89
CA LYS A 424 8.86 15.05 4.58
C LYS A 424 7.80 14.28 5.38
N SER A 425 7.92 12.97 5.44
CA SER A 425 6.92 12.15 6.12
C SER A 425 6.82 12.50 7.61
N THR A 426 7.84 13.14 8.14
CA THR A 426 7.86 13.46 9.56
C THR A 426 6.95 14.65 9.84
N GLN A 427 6.43 15.26 8.79
CA GLN A 427 5.45 16.33 8.94
C GLN A 427 4.06 15.79 9.27
N VAL A 428 3.86 14.48 9.15
CA VAL A 428 2.55 13.91 9.54
C VAL A 428 2.38 14.08 11.03
N SER A 429 1.36 14.83 11.43
CA SER A 429 1.11 15.11 12.84
C SER A 429 0.08 14.15 13.43
N HIS A 430 -0.93 13.79 12.65
CA HIS A 430 -2.00 12.93 13.14
C HIS A 430 -2.40 11.88 12.11
N VAL A 431 -2.86 10.73 12.59
CA VAL A 431 -3.40 9.72 11.69
C VAL A 431 -4.60 9.07 12.36
N TRP A 432 -5.68 8.93 11.60
CA TRP A 432 -6.85 8.19 12.06
C TRP A 432 -7.15 7.06 11.09
N VAL A 433 -7.59 5.92 11.61
CA VAL A 433 -8.10 4.84 10.78
C VAL A 433 -9.43 4.41 11.37
N ASN A 434 -10.46 4.39 10.53
CA ASN A 434 -11.81 4.18 11.04
C ASN A 434 -12.12 5.16 12.17
N GLY A 435 -11.58 6.37 12.06
CA GLY A 435 -11.84 7.42 13.04
C GLY A 435 -11.11 7.25 14.35
N ARG A 436 -10.27 6.22 14.45
N ARG A 436 -10.27 6.24 14.44
CA ARG A 436 -9.47 6.01 15.64
CA ARG A 436 -9.49 6.03 15.66
C ARG A 436 -8.09 6.64 15.46
C ARG A 436 -8.07 6.58 15.50
N CYS A 437 -7.64 7.40 16.45
CA CYS A 437 -6.34 8.07 16.38
C CYS A 437 -5.18 7.11 16.65
N LEU A 438 -4.39 6.84 15.61
CA LEU A 438 -3.23 5.95 15.73
C LEU A 438 -1.94 6.74 15.90
N LEU A 439 -2.02 8.04 15.68
CA LEU A 439 -0.84 8.91 15.76
C LEU A 439 -1.32 10.27 16.21
N LYS A 440 -0.84 10.72 17.35
N LYS A 440 -0.82 10.73 17.34
CA LYS A 440 -1.29 11.96 17.96
CA LYS A 440 -1.30 11.96 17.95
C LYS A 440 -0.10 12.87 18.20
C LYS A 440 -0.10 12.88 18.21
N ASN A 441 -0.08 14.02 17.53
CA ASN A 441 1.09 14.90 17.56
C ASN A 441 2.39 14.16 17.28
N GLY A 442 2.40 13.33 16.25
CA GLY A 442 3.61 12.64 15.86
C GLY A 442 3.93 11.40 16.70
N GLU A 443 3.13 11.12 17.72
CA GLU A 443 3.40 9.99 18.62
C GLU A 443 2.42 8.83 18.38
N LEU A 444 2.95 7.62 18.29
CA LEU A 444 2.12 6.42 18.12
C LEU A 444 1.28 6.16 19.36
N THR A 445 0.04 5.75 19.18
CA THR A 445 -0.85 5.54 20.32
C THR A 445 -1.13 4.06 20.60
N THR A 446 -0.82 3.17 19.65
CA THR A 446 -1.12 1.75 19.85
C THR A 446 0.11 0.86 19.76
N LEU A 447 1.27 1.48 19.55
CA LEU A 447 2.54 0.75 19.47
C LEU A 447 3.59 1.52 20.24
N ASN A 448 4.56 0.78 20.80
CA ASN A 448 5.61 1.38 21.61
C ASN A 448 6.91 1.40 20.81
N GLU A 449 7.34 2.59 20.44
CA GLU A 449 8.50 2.78 19.57
C GLU A 449 9.78 2.16 20.13
N GLU A 450 10.05 2.40 21.42
CA GLU A 450 11.25 1.90 22.08
C GLU A 450 11.28 0.39 22.11
N THR A 451 10.13 -0.22 22.37
CA THR A 451 10.04 -1.68 22.38
C THR A 451 10.33 -2.27 20.99
N LEU A 452 9.71 -1.69 19.98
CA LEU A 452 9.87 -2.15 18.60
C LEU A 452 11.33 -2.08 18.16
N ILE A 453 11.99 -0.99 18.52
CA ILE A 453 13.40 -0.80 18.19
C ILE A 453 14.28 -1.84 18.90
N ASN A 454 14.02 -2.08 20.18
CA ASN A 454 14.72 -3.18 20.87
C ASN A 454 14.54 -4.52 20.16
N HIS A 455 13.33 -4.81 19.73
CA HIS A 455 13.09 -6.08 19.07
C HIS A 455 13.82 -6.15 17.73
N ALA A 456 13.85 -5.03 17.03
CA ALA A 456 14.53 -4.94 15.74
C ALA A 456 16.01 -5.22 15.93
N LYS A 457 16.59 -4.63 16.97
CA LYS A 457 18.01 -4.82 17.23
C LYS A 457 18.32 -6.25 17.62
N ALA A 458 17.41 -6.86 18.37
CA ALA A 458 17.57 -8.26 18.75
C ALA A 458 17.60 -9.14 17.50
N TRP A 459 16.68 -8.90 16.59
CA TRP A 459 16.60 -9.68 15.37
C TRP A 459 17.83 -9.45 14.50
N ALA A 460 18.27 -8.19 14.40
CA ALA A 460 19.47 -7.89 13.62
C ALA A 460 20.64 -8.73 14.15
N SER A 461 20.78 -8.81 15.47
N SER A 461 20.76 -8.80 15.47
CA SER A 461 21.89 -9.58 16.05
CA SER A 461 21.82 -9.54 16.13
C SER A 461 21.74 -11.06 15.71
C SER A 461 21.74 -11.03 15.79
N ALA A 462 20.52 -11.57 15.84
CA ALA A 462 20.25 -12.96 15.50
C ALA A 462 20.55 -13.24 14.02
N ILE A 463 20.18 -12.31 13.16
CA ILE A 463 20.38 -12.48 11.72
C ILE A 463 21.88 -12.37 11.39
N ARG A 464 22.53 -11.39 12.02
CA ARG A 464 23.96 -11.13 11.81
C ARG A 464 24.86 -12.26 12.31
N THR A 465 24.60 -12.72 13.53
CA THR A 465 25.44 -13.73 14.18
C THR A 465 24.59 -14.72 14.97
N PRO A 466 24.15 -15.78 14.29
CA PRO A 466 23.20 -16.75 14.85
C PRO A 466 23.80 -17.57 15.97
CA CA B . 7.63 -7.50 -3.92
CA CA C . 12.32 4.78 -0.15
C ACY D . -25.25 15.13 9.03
O ACY D . -25.44 15.68 7.92
OXT ACY D . -25.80 14.05 9.43
CH3 ACY D . -24.30 15.80 9.96
C ACY E . 5.97 6.91 -20.58
O ACY E . 5.92 6.92 -21.84
OXT ACY E . 5.07 6.62 -19.83
CH3 ACY E . 7.22 7.29 -19.91
C1 PEG F . 13.17 5.52 -20.14
O1 PEG F . 14.45 5.14 -19.63
C2 PEG F . 12.58 4.43 -21.02
O2 PEG F . 12.97 4.63 -22.37
C3 PEG F . 12.01 5.42 -23.09
C4 PEG F . 12.56 5.77 -24.46
O4 PEG F . 11.77 6.83 -25.03
#